data_279D
# 
_entry.id   279D 
# 
_audit_conform.dict_name       mmcif_pdbx.dic 
_audit_conform.dict_version    5.387 
_audit_conform.dict_location   http://mmcif.pdb.org/dictionaries/ascii/mmcif_pdbx.dic 
# 
loop_
_database_2.database_id 
_database_2.database_code 
_database_2.pdbx_database_accession 
_database_2.pdbx_DOI 
PDB   279D         pdb_0000279d 10.2210/pdb279d/pdb 
RCSB  ZDJ050       ?            ?                   
WWPDB D_1000177691 ?            ?                   
# 
loop_
_pdbx_audit_revision_history.ordinal 
_pdbx_audit_revision_history.data_content_type 
_pdbx_audit_revision_history.major_revision 
_pdbx_audit_revision_history.minor_revision 
_pdbx_audit_revision_history.revision_date 
1 'Structure model' 1 0 1996-06-27 
2 'Structure model' 1 1 2008-05-22 
3 'Structure model' 1 2 2011-07-13 
4 'Structure model' 1 3 2024-02-14 
# 
_pdbx_audit_revision_details.ordinal             1 
_pdbx_audit_revision_details.revision_ordinal    1 
_pdbx_audit_revision_details.data_content_type   'Structure model' 
_pdbx_audit_revision_details.provider            repository 
_pdbx_audit_revision_details.type                'Initial release' 
_pdbx_audit_revision_details.description         ? 
_pdbx_audit_revision_details.details             ? 
# 
loop_
_pdbx_audit_revision_group.ordinal 
_pdbx_audit_revision_group.revision_ordinal 
_pdbx_audit_revision_group.data_content_type 
_pdbx_audit_revision_group.group 
1 2 'Structure model' 'Version format compliance' 
2 3 'Structure model' 'Version format compliance' 
3 4 'Structure model' 'Data collection'           
4 4 'Structure model' 'Database references'       
# 
loop_
_pdbx_audit_revision_category.ordinal 
_pdbx_audit_revision_category.revision_ordinal 
_pdbx_audit_revision_category.data_content_type 
_pdbx_audit_revision_category.category 
1 4 'Structure model' chem_comp_atom 
2 4 'Structure model' chem_comp_bond 
3 4 'Structure model' database_2     
# 
loop_
_pdbx_audit_revision_item.ordinal 
_pdbx_audit_revision_item.revision_ordinal 
_pdbx_audit_revision_item.data_content_type 
_pdbx_audit_revision_item.item 
1 4 'Structure model' '_database_2.pdbx_DOI'                
2 4 'Structure model' '_database_2.pdbx_database_accession' 
# 
_pdbx_database_status.status_code                     REL 
_pdbx_database_status.entry_id                        279D 
_pdbx_database_status.recvd_initial_deposition_date   1996-05-21 
_pdbx_database_status.deposit_site                    NDB 
_pdbx_database_status.process_site                    NDB 
_pdbx_database_status.status_code_sf                  REL 
_pdbx_database_status.status_code_mr                  ? 
_pdbx_database_status.SG_entry                        ? 
_pdbx_database_status.pdb_format_compatible           Y 
_pdbx_database_status.status_code_cs                  ? 
_pdbx_database_status.status_code_nmr_data            ? 
_pdbx_database_status.methods_development_category    ? 
# 
loop_
_audit_author.name 
_audit_author.pdbx_ordinal 
'Ban, C.'           1 
'Ramakrishnan, B.'  2 
'Sundaralingam, M.' 3 
# 
_citation.id                        primary 
_citation.title                     
;Crystal structure of the self-complementary 5'-purine start decamer d(GCGCGCGCGC) in the Z-DNA conformation. I.
;
_citation.journal_abbrev            Biophys.J. 
_citation.journal_volume            71 
_citation.page_first                1215 
_citation.page_last                 1221 
_citation.year                      1996 
_citation.journal_id_ASTM           BIOJAU 
_citation.country                   US 
_citation.journal_id_ISSN           0006-3495 
_citation.journal_id_CSD            0030 
_citation.book_publisher            ? 
_citation.pdbx_database_id_PubMed   8873995 
_citation.pdbx_database_id_DOI      ? 
# 
loop_
_citation_author.citation_id 
_citation_author.name 
_citation_author.ordinal 
_citation_author.identifier_ORCID 
primary 'Ban, C.'           1 ? 
primary 'Ramakrishnan, B.'  2 ? 
primary 'Sundaralingam, M.' 3 ? 
# 
loop_
_entity.id 
_entity.type 
_entity.src_method 
_entity.pdbx_description 
_entity.formula_weight 
_entity.pdbx_number_of_molecules 
_entity.pdbx_ec 
_entity.pdbx_mutation 
_entity.pdbx_fragment 
_entity.details 
1 polymer nat 
;DNA (5'-D(*GP*CP*GP*CP*GP*CP*GP*CP*GP*C)-3'
;
573.430 1  ? ? ? ? 
2 water   nat water                                         18.015  14 ? ? ? ? 
# 
_entity_poly.entity_id                      1 
_entity_poly.type                           polydeoxyribonucleotide 
_entity_poly.nstd_linkage                   no 
_entity_poly.nstd_monomer                   no 
_entity_poly.pdbx_seq_one_letter_code       '(DG)(DC)' 
_entity_poly.pdbx_seq_one_letter_code_can   GC 
_entity_poly.pdbx_strand_id                 A 
_entity_poly.pdbx_target_identifier         ? 
# 
_pdbx_entity_nonpoly.entity_id   2 
_pdbx_entity_nonpoly.name        water 
_pdbx_entity_nonpoly.comp_id     HOH 
# 
loop_
_entity_poly_seq.entity_id 
_entity_poly_seq.num 
_entity_poly_seq.mon_id 
_entity_poly_seq.hetero 
1 1 DG n 
1 2 DC n 
# 
loop_
_chem_comp.id 
_chem_comp.type 
_chem_comp.mon_nstd_flag 
_chem_comp.name 
_chem_comp.pdbx_synonyms 
_chem_comp.formula 
_chem_comp.formula_weight 
DC  'DNA linking' y "2'-DEOXYCYTIDINE-5'-MONOPHOSPHATE"  ? 'C9 H14 N3 O7 P'  307.197 
DG  'DNA linking' y "2'-DEOXYGUANOSINE-5'-MONOPHOSPHATE" ? 'C10 H14 N5 O7 P' 347.221 
HOH non-polymer   . WATER                                ? 'H2 O'            18.015  
# 
loop_
_pdbx_poly_seq_scheme.asym_id 
_pdbx_poly_seq_scheme.entity_id 
_pdbx_poly_seq_scheme.seq_id 
_pdbx_poly_seq_scheme.mon_id 
_pdbx_poly_seq_scheme.ndb_seq_num 
_pdbx_poly_seq_scheme.pdb_seq_num 
_pdbx_poly_seq_scheme.auth_seq_num 
_pdbx_poly_seq_scheme.pdb_mon_id 
_pdbx_poly_seq_scheme.auth_mon_id 
_pdbx_poly_seq_scheme.pdb_strand_id 
_pdbx_poly_seq_scheme.pdb_ins_code 
_pdbx_poly_seq_scheme.hetero 
A 1 1 DG 1 1 1 DG G A . n 
A 1 2 DC 2 2 2 DC C A . n 
# 
loop_
_pdbx_nonpoly_scheme.asym_id 
_pdbx_nonpoly_scheme.entity_id 
_pdbx_nonpoly_scheme.mon_id 
_pdbx_nonpoly_scheme.ndb_seq_num 
_pdbx_nonpoly_scheme.pdb_seq_num 
_pdbx_nonpoly_scheme.auth_seq_num 
_pdbx_nonpoly_scheme.pdb_mon_id 
_pdbx_nonpoly_scheme.auth_mon_id 
_pdbx_nonpoly_scheme.pdb_strand_id 
_pdbx_nonpoly_scheme.pdb_ins_code 
B 2 HOH 1  3  3  HOH HOH A . 
B 2 HOH 2  4  4  HOH HOH A . 
B 2 HOH 3  5  5  HOH HOH A . 
B 2 HOH 4  6  6  HOH HOH A . 
B 2 HOH 5  7  7  HOH HOH A . 
B 2 HOH 6  8  8  HOH HOH A . 
B 2 HOH 7  9  9  HOH HOH A . 
B 2 HOH 8  10 10 HOH HOH A . 
B 2 HOH 9  11 11 HOH HOH A . 
B 2 HOH 10 12 12 HOH HOH A . 
B 2 HOH 11 13 13 HOH HOH A . 
B 2 HOH 12 14 14 HOH HOH A . 
B 2 HOH 13 15 15 HOH HOH A . 
B 2 HOH 14 16 16 HOH HOH A . 
# 
loop_
_software.name 
_software.classification 
_software.version 
_software.citation_id 
_software.pdbx_ordinal 
X-PLOR refinement       .        ? 1 
XENGEN 'data reduction' 'V. 2.0' ? 2 
# 
_cell.entry_id           279D 
_cell.length_a           18.100 
_cell.length_b           18.100 
_cell.length_c           43.100 
_cell.angle_alpha        90.00 
_cell.angle_beta         90.00 
_cell.angle_gamma        120.00 
_cell.Z_PDB              12 
_cell.pdbx_unique_axis   ? 
# 
_symmetry.entry_id                         279D 
_symmetry.space_group_name_H-M             'P 65 2 2' 
_symmetry.pdbx_full_space_group_name_H-M   ? 
_symmetry.cell_setting                     ? 
_symmetry.Int_Tables_number                179 
# 
_exptl.entry_id          279D 
_exptl.method            'X-RAY DIFFRACTION' 
_exptl.crystals_number   ? 
# 
_exptl_crystal.id                    1 
_exptl_crystal.density_meas          ? 
_exptl_crystal.density_percent_sol   30.78 
_exptl_crystal.density_Matthews      1.78 
_exptl_crystal.description           ? 
# 
_exptl_crystal_grow.crystal_id      1 
_exptl_crystal_grow.method          'VAPOR DIFFUSION, HANGING DROP' 
_exptl_crystal_grow.temp            ? 
_exptl_crystal_grow.temp_details    'ROOM TEMPERATURE' 
_exptl_crystal_grow.pH              7.00 
_exptl_crystal_grow.pdbx_details    'pH 7.00, VAPOR DIFFUSION, HANGING DROP' 
_exptl_crystal_grow.pdbx_pH_range   . 
# 
loop_
_exptl_crystal_grow_comp.crystal_id 
_exptl_crystal_grow_comp.id 
_exptl_crystal_grow_comp.sol_id 
_exptl_crystal_grow_comp.name 
_exptl_crystal_grow_comp.volume 
_exptl_crystal_grow_comp.conc 
_exptl_crystal_grow_comp.details 
1 1 1 WATER           ? ? ? 
1 2 1 MPD             ? ? ? 
1 3 1 'NA CACODYLATE' ? ? ? 
1 4 1 MGCL2           ? ? ? 
1 5 1 SPERMINE_HCL    ? ? ? 
1 6 2 WATER           ? ? ? 
1 7 2 MPD             ? ? ? 
# 
_diffrn.id                     1 
_diffrn.ambient_temp           ? 
_diffrn.ambient_temp_details   'ROOM TEMPERATURE' 
_diffrn.crystal_id             1 
# 
_diffrn_detector.diffrn_id              1 
_diffrn_detector.detector               'AREA DETECTOR' 
_diffrn_detector.type                   SIEMENS-NICOLET 
_diffrn_detector.pdbx_collection_date   1994-04-13 
_diffrn_detector.details                ? 
# 
_diffrn_radiation.diffrn_id                        1 
_diffrn_radiation.wavelength_id                    1 
_diffrn_radiation.pdbx_monochromatic_or_laue_m_l   M 
_diffrn_radiation.monochromator                    GRAPHITE 
_diffrn_radiation.pdbx_diffrn_protocol             'SINGLE WAVELENGTH' 
_diffrn_radiation.pdbx_scattering_type             x-ray 
# 
_diffrn_radiation_wavelength.id           1 
_diffrn_radiation_wavelength.wavelength   . 
_diffrn_radiation_wavelength.wt           1.0 
# 
_diffrn_source.diffrn_id                   1 
_diffrn_source.source                      'ROTATING ANODE' 
_diffrn_source.type                        MACSCIENCE 
_diffrn_source.pdbx_synchrotron_site       ? 
_diffrn_source.pdbx_synchrotron_beamline   ? 
_diffrn_source.pdbx_wavelength             ? 
_diffrn_source.pdbx_wavelength_list        ? 
# 
_reflns.entry_id                     279D 
_reflns.observed_criterion_sigma_I   ? 
_reflns.observed_criterion_sigma_F   1.000 
_reflns.d_resolution_low             20.000 
_reflns.d_resolution_high            1.900 
_reflns.number_obs                   401 
_reflns.number_all                   2020 
_reflns.percent_possible_obs         96.400 
_reflns.pdbx_Rmerge_I_obs            0.0220000 
_reflns.pdbx_Rsym_value              ? 
_reflns.pdbx_netI_over_sigmaI        ? 
_reflns.B_iso_Wilson_estimate        ? 
_reflns.pdbx_redundancy              5.000 
_reflns.R_free_details               ? 
_reflns.pdbx_diffrn_id               1 
_reflns.pdbx_ordinal                 1 
# 
_refine.entry_id                                 279D 
_refine.ls_number_reflns_obs                     340 
_refine.ls_number_reflns_all                     ? 
_refine.pdbx_ls_sigma_I                          ? 
_refine.pdbx_ls_sigma_F                          1.000 
_refine.pdbx_data_cutoff_high_absF               ? 
_refine.pdbx_data_cutoff_low_absF                ? 
_refine.pdbx_data_cutoff_high_rms_absF           ? 
_refine.ls_d_res_low                             8.000 
_refine.ls_d_res_high                            1.900 
_refine.ls_percent_reflns_obs                    ? 
_refine.ls_R_factor_obs                          0.1860000 
_refine.ls_R_factor_all                          ? 
_refine.ls_R_factor_R_work                       0.1860000 
_refine.ls_R_factor_R_free                       ? 
_refine.ls_R_factor_R_free_error                 ? 
_refine.ls_R_factor_R_free_error_details         ? 
_refine.ls_percent_reflns_R_free                 ? 
_refine.ls_number_reflns_R_free                  ? 
_refine.ls_number_parameters                     ? 
_refine.ls_number_restraints                     ? 
_refine.occupancy_min                            ? 
_refine.occupancy_max                            ? 
_refine.B_iso_mean                               ? 
_refine.aniso_B[1][1]                            ? 
_refine.aniso_B[2][2]                            ? 
_refine.aniso_B[3][3]                            ? 
_refine.aniso_B[1][2]                            ? 
_refine.aniso_B[1][3]                            ? 
_refine.aniso_B[2][3]                            ? 
_refine.solvent_model_details                    ? 
_refine.solvent_model_param_ksol                 ? 
_refine.solvent_model_param_bsol                 ? 
_refine.pdbx_ls_cross_valid_method               ? 
_refine.details                                  ? 
_refine.pdbx_starting_model                      ? 
_refine.pdbx_method_to_determine_struct          ? 
_refine.pdbx_isotropic_thermal_model             ? 
_refine.pdbx_stereochemistry_target_values       ? 
_refine.pdbx_stereochem_target_val_spec_case     ? 
_refine.pdbx_R_Free_selection_details            ? 
_refine.pdbx_overall_ESU_R                       ? 
_refine.pdbx_overall_ESU_R_Free                  ? 
_refine.overall_SU_ML                            ? 
_refine.overall_SU_B                             ? 
_refine.ls_redundancy_reflns_obs                 ? 
_refine.correlation_coeff_Fo_to_Fc               ? 
_refine.correlation_coeff_Fo_to_Fc_free          ? 
_refine.pdbx_solvent_vdw_probe_radii             ? 
_refine.pdbx_solvent_ion_probe_radii             ? 
_refine.pdbx_solvent_shrinkage_radii             ? 
_refine.overall_SU_R_Cruickshank_DPI             ? 
_refine.overall_SU_R_free                        ? 
_refine.pdbx_refine_id                           'X-RAY DIFFRACTION' 
_refine.pdbx_diffrn_id                           1 
_refine.pdbx_TLS_residual_ADP_flag               ? 
_refine.pdbx_overall_phase_error                 ? 
_refine.pdbx_overall_SU_R_free_Cruickshank_DPI   ? 
_refine.pdbx_overall_SU_R_Blow_DPI               ? 
_refine.pdbx_overall_SU_R_free_Blow_DPI          ? 
# 
_refine_hist.pdbx_refine_id                   'X-RAY DIFFRACTION' 
_refine_hist.cycle_id                         LAST 
_refine_hist.pdbx_number_atoms_protein        0 
_refine_hist.pdbx_number_atoms_nucleic_acid   41 
_refine_hist.pdbx_number_atoms_ligand         0 
_refine_hist.number_atoms_solvent             14 
_refine_hist.number_atoms_total               55 
_refine_hist.d_res_high                       1.900 
_refine_hist.d_res_low                        8.000 
# 
loop_
_refine_ls_restr.type 
_refine_ls_restr.dev_ideal 
_refine_ls_restr.dev_ideal_target 
_refine_ls_restr.weight 
_refine_ls_restr.number 
_refine_ls_restr.pdbx_refine_id 
_refine_ls_restr.pdbx_restraint_function 
x_bond_d                0.012 ? ? ? 'X-RAY DIFFRACTION' ? 
x_bond_d_na             ?     ? ? ? 'X-RAY DIFFRACTION' ? 
x_bond_d_prot           ?     ? ? ? 'X-RAY DIFFRACTION' ? 
x_angle_d               ?     ? ? ? 'X-RAY DIFFRACTION' ? 
x_angle_d_na            ?     ? ? ? 'X-RAY DIFFRACTION' ? 
x_angle_d_prot          ?     ? ? ? 'X-RAY DIFFRACTION' ? 
x_angle_deg             3.30  ? ? ? 'X-RAY DIFFRACTION' ? 
x_angle_deg_na          ?     ? ? ? 'X-RAY DIFFRACTION' ? 
x_angle_deg_prot        ?     ? ? ? 'X-RAY DIFFRACTION' ? 
x_dihedral_angle_d      31.0  ? ? ? 'X-RAY DIFFRACTION' ? 
x_dihedral_angle_d_na   ?     ? ? ? 'X-RAY DIFFRACTION' ? 
x_dihedral_angle_d_prot ?     ? ? ? 'X-RAY DIFFRACTION' ? 
x_improper_angle_d      3.40  ? ? ? 'X-RAY DIFFRACTION' ? 
x_improper_angle_d_na   ?     ? ? ? 'X-RAY DIFFRACTION' ? 
x_improper_angle_d_prot ?     ? ? ? 'X-RAY DIFFRACTION' ? 
x_mcbond_it             ?     ? ? ? 'X-RAY DIFFRACTION' ? 
x_mcangle_it            ?     ? ? ? 'X-RAY DIFFRACTION' ? 
x_scbond_it             ?     ? ? ? 'X-RAY DIFFRACTION' ? 
x_scangle_it            ?     ? ? ? 'X-RAY DIFFRACTION' ? 
# 
_pdbx_xplor_file.serial_no        1 
_pdbx_xplor_file.param_file       PARAM11.DAT 
_pdbx_xplor_file.topol_file       ? 
_pdbx_xplor_file.pdbx_refine_id   'X-RAY DIFFRACTION' 
# 
_struct.entry_id                  279D 
_struct.title                     
;CRYSTAL STRUCTURE OF THE SELF-COMPLEMENTARY 5'-PURINE START DECAMER D(GCGCGCGCGC) IN THE Z-DNA CONFORMATION-PART I
;
_struct.pdbx_model_details        ? 
_struct.pdbx_CASP_flag            ? 
_struct.pdbx_model_type_details   ? 
# 
_struct_keywords.entry_id        279D 
_struct_keywords.pdbx_keywords   DNA 
_struct_keywords.text            'Z-DNA, DOUBLE HELIX, DNA' 
# 
loop_
_struct_asym.id 
_struct_asym.pdbx_blank_PDB_chainid_flag 
_struct_asym.pdbx_modified 
_struct_asym.entity_id 
_struct_asym.details 
A N N 1 ? 
B N N 2 ? 
# 
_struct_ref.id                         1 
_struct_ref.entity_id                  1 
_struct_ref.db_name                    PDB 
_struct_ref.db_code                    279D 
_struct_ref.pdbx_db_accession          279D 
_struct_ref.pdbx_db_isoform            ? 
_struct_ref.pdbx_seq_one_letter_code   ? 
_struct_ref.pdbx_align_begin           ? 
# 
_struct_ref_seq.align_id                      1 
_struct_ref_seq.ref_id                        1 
_struct_ref_seq.pdbx_PDB_id_code              279D 
_struct_ref_seq.pdbx_strand_id                A 
_struct_ref_seq.seq_align_beg                 1 
_struct_ref_seq.pdbx_seq_align_beg_ins_code   ? 
_struct_ref_seq.seq_align_end                 2 
_struct_ref_seq.pdbx_seq_align_end_ins_code   ? 
_struct_ref_seq.pdbx_db_accession             279D 
_struct_ref_seq.db_align_beg                  1 
_struct_ref_seq.pdbx_db_align_beg_ins_code    ? 
_struct_ref_seq.db_align_end                  2 
_struct_ref_seq.pdbx_db_align_end_ins_code    ? 
_struct_ref_seq.pdbx_auth_seq_align_beg       1 
_struct_ref_seq.pdbx_auth_seq_align_end       2 
# 
_pdbx_struct_assembly.id                   1 
_pdbx_struct_assembly.details              author_defined_assembly 
_pdbx_struct_assembly.method_details       ? 
_pdbx_struct_assembly.oligomeric_details   dodecameric 
_pdbx_struct_assembly.oligomeric_count     12 
# 
_pdbx_struct_assembly_gen.assembly_id       1 
_pdbx_struct_assembly_gen.oper_expression   1,2,3,4,5,6,7,8,9,10,11,12 
_pdbx_struct_assembly_gen.asym_id_list      A,B 
# 
loop_
_pdbx_struct_oper_list.id 
_pdbx_struct_oper_list.type 
_pdbx_struct_oper_list.name 
_pdbx_struct_oper_list.symmetry_operation 
_pdbx_struct_oper_list.matrix[1][1] 
_pdbx_struct_oper_list.matrix[1][2] 
_pdbx_struct_oper_list.matrix[1][3] 
_pdbx_struct_oper_list.vector[1] 
_pdbx_struct_oper_list.matrix[2][1] 
_pdbx_struct_oper_list.matrix[2][2] 
_pdbx_struct_oper_list.matrix[2][3] 
_pdbx_struct_oper_list.vector[2] 
_pdbx_struct_oper_list.matrix[3][1] 
_pdbx_struct_oper_list.matrix[3][2] 
_pdbx_struct_oper_list.matrix[3][3] 
_pdbx_struct_oper_list.vector[3] 
1  'identity operation'         1_555  x,y,z          1.0000000000  0.0000000000  0.0000000000  0.0000000000  0.0000000000  1.0000000000  0.0000000000  0.0000000000   0.0000000000  0.0000000000  1.0000000000  0.0000000000   
2  'crystal symmetry operation' 2_554  -y,x-y,z-1/3   -0.3846399191 -0.8761270072 -0.2906090156 0.2679465225  0.3207946287  0.1683292180  -0.9320708560 4.8738822238   0.8655304379  -0.4517374699 0.2163107011  -16.1895416977 
3  'crystal symmetry operation' 3_555  -x+y,-x,z+1/3  -0.3846399191 0.3207946287  0.8655304379  12.5520888048 -0.8761270072 0.1683292180  -0.4517374699 -7.8990842037  -0.2906090156 -0.9320708560 0.2163107011  8.1226423675   
4  'crystal symmetry operation' 4_555  -x,-y,z+1/2    -0.8461865588 -0.3702215857 0.3832809481  14.5229493585 -0.3702215857 -0.1088943761 -0.9225388839 -16.4013708221 0.3832809481  -0.9225388839 -0.0449190651 9.5140443804   
5  'crystal symmetry operation' 5_555  y,-x+y,z+1/6   0.5384533603  0.5059054215  0.6738899638  6.2866573156  -0.6910162143 0.7227764060  0.0095319721  -2.0958270430  -0.4822494897 -0.4708014140 0.7387702337  5.8476163884   
6  'crystal symmetry operation' 6_554  x-y,x,z-1/6    0.5384533603  -0.6910162143 -0.4822494897 -2.0133122065 0.5059054215  0.7227764060  -0.4708014140 1.0874263830   0.6738899638  0.0095319721  0.7387702337  -8.5365828318  
7  'crystal symmetry operation' 7_557  y,x,-z+8/3     0.3309733049  -0.3530186559 -0.8751197061 5.2293924632  -0.3530186559 -0.9063676402 0.2321110283  -12.0159361756 -0.8751197061 0.2321110283  -0.4246056647 12.8005704005  
8  'crystal symmetry operation' 8_557  x-y,-y,-z+2    -0.9979947763 0.0459263566  0.0435568172  5.8127729500  0.0459263566  0.0518677738  0.9975973656  8.4833124068   0.0435568172  0.9975973656  -0.0538729975 -9.2124164878  
9  'crystal symmetry operation' 9_557  -x,-x+y,-z+7/3 0.4363013096  0.8624246778  0.2566414667  5.0640384646  0.8624246778  -0.4821585695 0.1540999320  -7.4022285127  0.2566414667  0.1540999320  -0.9541427401 -3.4663943842  
10 'crystal symmetry operation' 10_557 -y,-x,-z+13/6  -0.4847867461 0.7232402416  0.4918387580  7.5001631687  0.7232402416  0.0152620162  0.6904278557  -0.0688218460  0.4918387580  0.6904278557  -0.5304752702 -7.7554049591  
11 'crystal symmetry operation' 11_557 -x+y,y,-z+5/2  0.8441813351  0.3242952290  -0.4268377654 2.9326099218  0.3242952290  -0.9429733977 -0.0750584816 -10.9783574271 -0.4268377654 -0.0750584816 -0.9012079374 4.3295970844   
12 'crystal symmetry operation' 12_557 x,x-y,-z+17/6  -0.5901147508 -0.4922030921 -0.6399224148 11.6496899276 -0.4922030921 -0.4089470545 0.7684389519  -14.2722425104 -0.6399224148 0.7684389519  -0.0009381947 18.4395446705 
# 
_struct_biol.id                    1 
_struct_biol.pdbx_parent_biol_id   ? 
_struct_biol.details               ? 
# 
_pdbx_validate_symm_contact.id                1 
_pdbx_validate_symm_contact.PDB_model_num     1 
_pdbx_validate_symm_contact.auth_atom_id_1    P 
_pdbx_validate_symm_contact.auth_asym_id_1    A 
_pdbx_validate_symm_contact.auth_comp_id_1    DG 
_pdbx_validate_symm_contact.auth_seq_id_1     1 
_pdbx_validate_symm_contact.PDB_ins_code_1    ? 
_pdbx_validate_symm_contact.label_alt_id_1    ? 
_pdbx_validate_symm_contact.site_symmetry_1   1_555 
_pdbx_validate_symm_contact.auth_atom_id_2    "O3'" 
_pdbx_validate_symm_contact.auth_asym_id_2    A 
_pdbx_validate_symm_contact.auth_comp_id_2    DC 
_pdbx_validate_symm_contact.auth_seq_id_2     2 
_pdbx_validate_symm_contact.PDB_ins_code_2    ? 
_pdbx_validate_symm_contact.label_alt_id_2    ? 
_pdbx_validate_symm_contact.site_symmetry_2   6_554 
_pdbx_validate_symm_contact.dist              1.63 
# 
loop_
_pdbx_validate_rmsd_bond.id 
_pdbx_validate_rmsd_bond.PDB_model_num 
_pdbx_validate_rmsd_bond.auth_atom_id_1 
_pdbx_validate_rmsd_bond.auth_asym_id_1 
_pdbx_validate_rmsd_bond.auth_comp_id_1 
_pdbx_validate_rmsd_bond.auth_seq_id_1 
_pdbx_validate_rmsd_bond.PDB_ins_code_1 
_pdbx_validate_rmsd_bond.label_alt_id_1 
_pdbx_validate_rmsd_bond.auth_atom_id_2 
_pdbx_validate_rmsd_bond.auth_asym_id_2 
_pdbx_validate_rmsd_bond.auth_comp_id_2 
_pdbx_validate_rmsd_bond.auth_seq_id_2 
_pdbx_validate_rmsd_bond.PDB_ins_code_2 
_pdbx_validate_rmsd_bond.label_alt_id_2 
_pdbx_validate_rmsd_bond.bond_value 
_pdbx_validate_rmsd_bond.bond_target_value 
_pdbx_validate_rmsd_bond.bond_deviation 
_pdbx_validate_rmsd_bond.bond_standard_deviation 
_pdbx_validate_rmsd_bond.linker_flag 
1 1 "C5'" A DG 1 ? ? "C4'" A DG 1 ? ? 1.412 1.509 -0.097 0.011 N 
2 1 "C4'" A DG 1 ? ? "C3'" A DG 1 ? ? 1.373 1.521 -0.148 0.010 N 
3 1 "O4'" A DG 1 ? ? "C4'" A DG 1 ? ? 1.362 1.446 -0.084 0.010 N 
4 1 C6    A DG 1 ? ? O6    A DG 1 ? ? 1.303 1.237 0.066  0.009 N 
5 1 "O3'" A DC 2 ? ? "C3'" A DC 2 ? ? 1.352 1.419 -0.067 0.006 N 
6 1 C4    A DC 2 ? ? N4    A DC 2 ? ? 1.248 1.335 -0.087 0.009 N 
7 1 C4    A DC 2 ? ? C5    A DC 2 ? ? 1.368 1.425 -0.057 0.008 N 
# 
loop_
_pdbx_validate_rmsd_angle.id 
_pdbx_validate_rmsd_angle.PDB_model_num 
_pdbx_validate_rmsd_angle.auth_atom_id_1 
_pdbx_validate_rmsd_angle.auth_asym_id_1 
_pdbx_validate_rmsd_angle.auth_comp_id_1 
_pdbx_validate_rmsd_angle.auth_seq_id_1 
_pdbx_validate_rmsd_angle.PDB_ins_code_1 
_pdbx_validate_rmsd_angle.label_alt_id_1 
_pdbx_validate_rmsd_angle.auth_atom_id_2 
_pdbx_validate_rmsd_angle.auth_asym_id_2 
_pdbx_validate_rmsd_angle.auth_comp_id_2 
_pdbx_validate_rmsd_angle.auth_seq_id_2 
_pdbx_validate_rmsd_angle.PDB_ins_code_2 
_pdbx_validate_rmsd_angle.label_alt_id_2 
_pdbx_validate_rmsd_angle.auth_atom_id_3 
_pdbx_validate_rmsd_angle.auth_asym_id_3 
_pdbx_validate_rmsd_angle.auth_comp_id_3 
_pdbx_validate_rmsd_angle.auth_seq_id_3 
_pdbx_validate_rmsd_angle.PDB_ins_code_3 
_pdbx_validate_rmsd_angle.label_alt_id_3 
_pdbx_validate_rmsd_angle.angle_value 
_pdbx_validate_rmsd_angle.angle_target_value 
_pdbx_validate_rmsd_angle.angle_deviation 
_pdbx_validate_rmsd_angle.angle_standard_deviation 
_pdbx_validate_rmsd_angle.linker_flag 
1  1 "O5'" A DG 1 ? ? P     A DG 1 ? ? OP1   A DG 1 ? ? 119.46 110.70 8.76   1.20 N 
2  1 "O5'" A DG 1 ? ? "C5'" A DG 1 ? ? "C4'" A DG 1 ? ? 95.18  109.40 -14.22 0.80 N 
3  1 "O4'" A DG 1 ? ? "C4'" A DG 1 ? ? "C3'" A DG 1 ? ? 100.34 104.50 -4.16  0.40 N 
4  1 "C5'" A DG 1 ? ? "C4'" A DG 1 ? ? "C3'" A DG 1 ? ? 94.49  114.10 -19.61 1.80 N 
5  1 "C1'" A DG 1 ? ? "O4'" A DG 1 ? ? "C4'" A DG 1 ? ? 115.76 110.30 5.46   0.70 N 
6  1 "C4'" A DG 1 ? ? "C3'" A DG 1 ? ? "C2'" A DG 1 ? ? 108.82 103.10 5.72   0.90 N 
7  1 "O4'" A DG 1 ? ? "C1'" A DG 1 ? ? "C2'" A DG 1 ? ? 100.47 105.90 -5.43  0.80 N 
8  1 "O4'" A DG 1 ? ? "C1'" A DG 1 ? ? N9    A DG 1 ? ? 99.77  108.00 -8.23  0.70 N 
9  1 C2    A DG 1 ? ? N3    A DG 1 ? ? C4    A DG 1 ? ? 115.59 111.90 3.69   0.50 N 
10 1 N1    A DG 1 ? ? C2    A DG 1 ? ? N2    A DG 1 ? ? 107.58 116.20 -8.62  0.90 N 
11 1 N3    A DG 1 ? ? C2    A DG 1 ? ? N2    A DG 1 ? ? 130.63 119.90 10.73  0.70 N 
12 1 N1    A DG 1 ? ? C6    A DG 1 ? ? O6    A DG 1 ? ? 116.27 119.90 -3.63  0.60 N 
13 1 P     A DC 2 ? ? "O5'" A DC 2 ? ? "C5'" A DC 2 ? ? 110.17 120.90 -10.73 1.60 N 
14 1 "O4'" A DC 2 ? ? "C4'" A DC 2 ? ? "C3'" A DC 2 ? ? 113.88 106.00 7.88   0.60 N 
15 1 "C5'" A DC 2 ? ? "C4'" A DC 2 ? ? "O4'" A DC 2 ? ? 96.92  109.30 -12.38 1.90 N 
16 1 "C1'" A DC 2 ? ? "O4'" A DC 2 ? ? "C4'" A DC 2 ? ? 98.01  110.10 -12.09 1.00 N 
17 1 "C4'" A DC 2 ? ? "C3'" A DC 2 ? ? "C2'" A DC 2 ? ? 95.74  102.20 -6.46  0.70 N 
18 1 "O4'" A DC 2 ? ? "C1'" A DC 2 ? ? "C2'" A DC 2 ? ? 112.49 106.80 5.69   0.50 N 
19 1 C6    A DC 2 ? ? N1    A DC 2 ? ? C2    A DC 2 ? ? 123.35 120.30 3.05   0.40 N 
20 1 N3    A DC 2 ? ? C4    A DC 2 ? ? C5    A DC 2 ? ? 126.34 121.90 4.44   0.40 N 
21 1 N1    A DC 2 ? ? C2    A DC 2 ? ? O2    A DC 2 ? ? 124.57 118.90 5.67   0.60 N 
22 1 C5    A DC 2 ? ? C4    A DC 2 ? ? N4    A DC 2 ? ? 114.26 120.20 -5.94  0.70 N 
# 
loop_
_pdbx_struct_special_symmetry.id 
_pdbx_struct_special_symmetry.PDB_model_num 
_pdbx_struct_special_symmetry.auth_asym_id 
_pdbx_struct_special_symmetry.auth_comp_id 
_pdbx_struct_special_symmetry.auth_seq_id 
_pdbx_struct_special_symmetry.PDB_ins_code 
_pdbx_struct_special_symmetry.label_asym_id 
_pdbx_struct_special_symmetry.label_comp_id 
_pdbx_struct_special_symmetry.label_seq_id 
1 1 A HOH 5  ? B HOH . 
2 1 A HOH 10 ? B HOH . 
3 1 A HOH 12 ? B HOH . 
# 
loop_
_refine_B_iso.class 
_refine_B_iso.details 
_refine_B_iso.treatment 
_refine_B_iso.pdbx_refine_id 
'ALL ATOMS'  TF isotropic 'X-RAY DIFFRACTION' 
'ALL WATERS' TF isotropic 'X-RAY DIFFRACTION' 
# 
loop_
_refine_occupancy.class 
_refine_occupancy.treatment 
_refine_occupancy.pdbx_refine_id 
'ALL ATOMS'  fix 'X-RAY DIFFRACTION' 
'ALL WATERS' fix 'X-RAY DIFFRACTION' 
# 
loop_
_chem_comp_atom.comp_id 
_chem_comp_atom.atom_id 
_chem_comp_atom.type_symbol 
_chem_comp_atom.pdbx_aromatic_flag 
_chem_comp_atom.pdbx_stereo_config 
_chem_comp_atom.pdbx_ordinal 
DC  OP3    O N N 1  
DC  P      P N N 2  
DC  OP1    O N N 3  
DC  OP2    O N N 4  
DC  "O5'"  O N N 5  
DC  "C5'"  C N N 6  
DC  "C4'"  C N R 7  
DC  "O4'"  O N N 8  
DC  "C3'"  C N S 9  
DC  "O3'"  O N N 10 
DC  "C2'"  C N N 11 
DC  "C1'"  C N R 12 
DC  N1     N N N 13 
DC  C2     C N N 14 
DC  O2     O N N 15 
DC  N3     N N N 16 
DC  C4     C N N 17 
DC  N4     N N N 18 
DC  C5     C N N 19 
DC  C6     C N N 20 
DC  HOP3   H N N 21 
DC  HOP2   H N N 22 
DC  "H5'"  H N N 23 
DC  "H5''" H N N 24 
DC  "H4'"  H N N 25 
DC  "H3'"  H N N 26 
DC  "HO3'" H N N 27 
DC  "H2'"  H N N 28 
DC  "H2''" H N N 29 
DC  "H1'"  H N N 30 
DC  H41    H N N 31 
DC  H42    H N N 32 
DC  H5     H N N 33 
DC  H6     H N N 34 
DG  OP3    O N N 35 
DG  P      P N N 36 
DG  OP1    O N N 37 
DG  OP2    O N N 38 
DG  "O5'"  O N N 39 
DG  "C5'"  C N N 40 
DG  "C4'"  C N R 41 
DG  "O4'"  O N N 42 
DG  "C3'"  C N S 43 
DG  "O3'"  O N N 44 
DG  "C2'"  C N N 45 
DG  "C1'"  C N R 46 
DG  N9     N Y N 47 
DG  C8     C Y N 48 
DG  N7     N Y N 49 
DG  C5     C Y N 50 
DG  C6     C N N 51 
DG  O6     O N N 52 
DG  N1     N N N 53 
DG  C2     C N N 54 
DG  N2     N N N 55 
DG  N3     N N N 56 
DG  C4     C Y N 57 
DG  HOP3   H N N 58 
DG  HOP2   H N N 59 
DG  "H5'"  H N N 60 
DG  "H5''" H N N 61 
DG  "H4'"  H N N 62 
DG  "H3'"  H N N 63 
DG  "HO3'" H N N 64 
DG  "H2'"  H N N 65 
DG  "H2''" H N N 66 
DG  "H1'"  H N N 67 
DG  H8     H N N 68 
DG  H1     H N N 69 
DG  H21    H N N 70 
DG  H22    H N N 71 
HOH O      O N N 72 
HOH H1     H N N 73 
HOH H2     H N N 74 
# 
loop_
_chem_comp_bond.comp_id 
_chem_comp_bond.atom_id_1 
_chem_comp_bond.atom_id_2 
_chem_comp_bond.value_order 
_chem_comp_bond.pdbx_aromatic_flag 
_chem_comp_bond.pdbx_stereo_config 
_chem_comp_bond.pdbx_ordinal 
DC  OP3   P      sing N N 1  
DC  OP3   HOP3   sing N N 2  
DC  P     OP1    doub N N 3  
DC  P     OP2    sing N N 4  
DC  P     "O5'"  sing N N 5  
DC  OP2   HOP2   sing N N 6  
DC  "O5'" "C5'"  sing N N 7  
DC  "C5'" "C4'"  sing N N 8  
DC  "C5'" "H5'"  sing N N 9  
DC  "C5'" "H5''" sing N N 10 
DC  "C4'" "O4'"  sing N N 11 
DC  "C4'" "C3'"  sing N N 12 
DC  "C4'" "H4'"  sing N N 13 
DC  "O4'" "C1'"  sing N N 14 
DC  "C3'" "O3'"  sing N N 15 
DC  "C3'" "C2'"  sing N N 16 
DC  "C3'" "H3'"  sing N N 17 
DC  "O3'" "HO3'" sing N N 18 
DC  "C2'" "C1'"  sing N N 19 
DC  "C2'" "H2'"  sing N N 20 
DC  "C2'" "H2''" sing N N 21 
DC  "C1'" N1     sing N N 22 
DC  "C1'" "H1'"  sing N N 23 
DC  N1    C2     sing N N 24 
DC  N1    C6     sing N N 25 
DC  C2    O2     doub N N 26 
DC  C2    N3     sing N N 27 
DC  N3    C4     doub N N 28 
DC  C4    N4     sing N N 29 
DC  C4    C5     sing N N 30 
DC  N4    H41    sing N N 31 
DC  N4    H42    sing N N 32 
DC  C5    C6     doub N N 33 
DC  C5    H5     sing N N 34 
DC  C6    H6     sing N N 35 
DG  OP3   P      sing N N 36 
DG  OP3   HOP3   sing N N 37 
DG  P     OP1    doub N N 38 
DG  P     OP2    sing N N 39 
DG  P     "O5'"  sing N N 40 
DG  OP2   HOP2   sing N N 41 
DG  "O5'" "C5'"  sing N N 42 
DG  "C5'" "C4'"  sing N N 43 
DG  "C5'" "H5'"  sing N N 44 
DG  "C5'" "H5''" sing N N 45 
DG  "C4'" "O4'"  sing N N 46 
DG  "C4'" "C3'"  sing N N 47 
DG  "C4'" "H4'"  sing N N 48 
DG  "O4'" "C1'"  sing N N 49 
DG  "C3'" "O3'"  sing N N 50 
DG  "C3'" "C2'"  sing N N 51 
DG  "C3'" "H3'"  sing N N 52 
DG  "O3'" "HO3'" sing N N 53 
DG  "C2'" "C1'"  sing N N 54 
DG  "C2'" "H2'"  sing N N 55 
DG  "C2'" "H2''" sing N N 56 
DG  "C1'" N9     sing N N 57 
DG  "C1'" "H1'"  sing N N 58 
DG  N9    C8     sing Y N 59 
DG  N9    C4     sing Y N 60 
DG  C8    N7     doub Y N 61 
DG  C8    H8     sing N N 62 
DG  N7    C5     sing Y N 63 
DG  C5    C6     sing N N 64 
DG  C5    C4     doub Y N 65 
DG  C6    O6     doub N N 66 
DG  C6    N1     sing N N 67 
DG  N1    C2     sing N N 68 
DG  N1    H1     sing N N 69 
DG  C2    N2     sing N N 70 
DG  C2    N3     doub N N 71 
DG  N2    H21    sing N N 72 
DG  N2    H22    sing N N 73 
DG  N3    C4     sing N N 74 
HOH O     H1     sing N N 75 
HOH O     H2     sing N N 76 
# 
_atom_sites.entry_id                    279D 
_atom_sites.fract_transf_matrix[1][1]   0.02888082 
_atom_sites.fract_transf_matrix[1][2]   -0.03468103 
_atom_sites.fract_transf_matrix[1][3]   -0.04508945 
_atom_sites.fract_transf_matrix[2][1]   0.06126046 
_atom_sites.fract_transf_matrix[2][2]   0.01077252 
_atom_sites.fract_transf_matrix[2][3]   -0.01417880 
_atom_sites.fract_transf_matrix[3][1]   0.00643439 
_atom_sites.fract_transf_matrix[3][2]   -0.01548728 
_atom_sites.fract_transf_matrix[3][3]   0.01603358 
_atom_sites.fract_transf_vector[1]      -0.279634 
_atom_sites.fract_transf_vector[2]      -0.289050 
_atom_sites.fract_transf_vector[3]      1.120851 
# 
loop_
_atom_type.symbol 
C 
N 
O 
P 
# 
loop_
_atom_site.group_PDB 
_atom_site.id 
_atom_site.type_symbol 
_atom_site.label_atom_id 
_atom_site.label_alt_id 
_atom_site.label_comp_id 
_atom_site.label_asym_id 
_atom_site.label_entity_id 
_atom_site.label_seq_id 
_atom_site.pdbx_PDB_ins_code 
_atom_site.Cartn_x 
_atom_site.Cartn_y 
_atom_site.Cartn_z 
_atom_site.occupancy 
_atom_site.B_iso_or_equiv 
_atom_site.pdbx_formal_charge 
_atom_site.auth_seq_id 
_atom_site.auth_comp_id 
_atom_site.auth_asym_id 
_atom_site.auth_atom_id 
_atom_site.pdbx_PDB_model_num 
ATOM   1  P P     . DG  A 1 1 ? -0.681 3.901  -1.598 1.00 39.15 ? 1  DG  A P     1 
ATOM   2  O OP1   . DG  A 1 1 ? 0.680  4.605  -1.526 1.00 35.41 ? 1  DG  A OP1   1 
ATOM   3  O OP2   . DG  A 1 1 ? -1.676 4.536  -2.513 1.00 34.78 ? 1  DG  A OP2   1 
ATOM   4  O "O5'" . DG  A 1 1 ? -1.316 3.274  -0.265 1.00 33.19 ? 1  DG  A "O5'" 1 
ATOM   5  C "C5'" . DG  A 1 1 ? -0.557 2.446  0.476  1.00 22.04 ? 1  DG  A "C5'" 1 
ATOM   6  C "C4'" . DG  A 1 1 ? -1.635 1.909  1.213  1.00 14.72 ? 1  DG  A "C4'" 1 
ATOM   7  O "O4'" . DG  A 1 1 ? -2.323 0.938  0.552  1.00 14.85 ? 1  DG  A "O4'" 1 
ATOM   8  C "C3'" . DG  A 1 1 ? -0.838 1.139  2.023  1.00 16.80 ? 1  DG  A "C3'" 1 
ATOM   9  O "O3'" . DG  A 1 1 ? -0.450 2.054  3.036  1.00 26.82 ? 1  DG  A "O3'" 1 
ATOM   10 C "C2'" . DG  A 1 1 ? -1.582 -0.107 2.388  1.00 15.56 ? 1  DG  A "C2'" 1 
ATOM   11 C "C1'" . DG  A 1 1 ? -2.657 -0.170 1.295  1.00 13.57 ? 1  DG  A "C1'" 1 
ATOM   12 N N9    . DG  A 1 1 ? -2.524 -1.183 0.293  1.00 12.75 ? 1  DG  A N9    1 
ATOM   13 C C8    . DG  A 1 1 ? -3.446 -2.103 -0.154 1.00 25.18 ? 1  DG  A C8    1 
ATOM   14 N N7    . DG  A 1 1 ? -2.966 -2.894 -1.082 1.00 26.96 ? 1  DG  A N7    1 
ATOM   15 C C5    . DG  A 1 1 ? -1.668 -2.441 -1.259 1.00 24.08 ? 1  DG  A C5    1 
ATOM   16 C C6    . DG  A 1 1 ? -0.698 -2.825 -2.193 1.00 23.18 ? 1  DG  A C6    1 
ATOM   17 O O6    . DG  A 1 1 ? -0.673 -3.897 -2.934 1.00 25.26 ? 1  DG  A O6    1 
ATOM   18 N N1    . DG  A 1 1 ? 0.469  -2.096 -2.136 1.00 17.36 ? 1  DG  A N1    1 
ATOM   19 C C2    . DG  A 1 1 ? 0.673  -1.092 -1.265 1.00 17.21 ? 1  DG  A C2    1 
ATOM   20 N N2    . DG  A 1 1 ? 1.878  -0.537 -1.554 1.00 15.58 ? 1  DG  A N2    1 
ATOM   21 N N3    . DG  A 1 1 ? -0.270 -0.730 -0.369 1.00 16.67 ? 1  DG  A N3    1 
ATOM   22 C C4    . DG  A 1 1 ? -1.401 -1.422 -0.415 1.00 15.38 ? 1  DG  A C4    1 
ATOM   23 P P     . DC  A 1 2 ? 0.652  1.615  4.168  1.00 31.12 ? 2  DC  A P     1 
ATOM   24 O OP1   . DC  A 1 2 ? 0.134  0.460  5.002  1.00 30.97 ? 2  DC  A OP1   1 
ATOM   25 O OP2   . DC  A 1 2 ? 1.021  2.901  4.843  1.00 33.46 ? 2  DC  A OP2   1 
ATOM   26 O "O5'" . DC  A 1 2 ? 2.067  1.102  3.554  1.00 25.67 ? 2  DC  A "O5'" 1 
ATOM   27 C "C5'" . DC  A 1 2 ? 2.551  -0.008 4.300  1.00 19.91 ? 2  DC  A "C5'" 1 
ATOM   28 C "C4'" . DC  A 1 2 ? 3.866  -0.510 3.924  1.00 14.48 ? 2  DC  A "C4'" 1 
ATOM   29 O "O4'" . DC  A 1 2 ? 3.462  -1.898 3.680  1.00 17.58 ? 2  DC  A "O4'" 1 
ATOM   30 C "C3'" . DC  A 1 2 ? 4.450  0.177  2.716  1.00 9.30  ? 2  DC  A "C3'" 1 
ATOM   31 O "O3'" . DC  A 1 2 ? 5.784  0.094  2.510  1.00 15.49 ? 2  DC  A "O3'" 1 
ATOM   32 C "C2'" . DC  A 1 2 ? 3.563  -0.498 1.715  1.00 7.47  ? 2  DC  A "C2'" 1 
ATOM   33 C "C1'" . DC  A 1 2 ? 3.543  -1.881 2.268  1.00 4.63  ? 2  DC  A "C1'" 1 
ATOM   34 N N1    . DC  A 1 2 ? 2.455  -2.652 1.841  1.00 14.10 ? 2  DC  A N1    1 
ATOM   35 C C2    . DC  A 1 2 ? 2.811  -3.666 0.969  1.00 11.15 ? 2  DC  A C2    1 
ATOM   36 O O2    . DC  A 1 2 ? 3.916  -3.829 0.528  1.00 9.08  ? 2  DC  A O2    1 
ATOM   37 N N3    . DC  A 1 2 ? 1.852  -4.530 0.641  1.00 11.32 ? 2  DC  A N3    1 
ATOM   38 C C4    . DC  A 1 2 ? 0.628  -4.340 1.141  1.00 7.50  ? 2  DC  A C4    1 
ATOM   39 N N4    . DC  A 1 2 ? -0.278 -5.153 0.868  1.00 10.66 ? 2  DC  A N4    1 
ATOM   40 C C5    . DC  A 1 2 ? 0.240  -3.323 1.970  1.00 10.36 ? 2  DC  A C5    1 
ATOM   41 C C6    . DC  A 1 2 ? 1.215  -2.485 2.304  1.00 9.55  ? 2  DC  A C6    1 
HETATM 42 O O     . HOH B 2 . ? -3.409 -5.460 2.216  1.00 26.86 ? 3  HOH A O     1 
HETATM 43 O O     . HOH B 2 . ? -3.305 9.017  -4.442 1.00 35.23 ? 4  HOH A O     1 
HETATM 44 O O     . HOH B 2 . ? -2.554 -6.758 -2.641 0.50 36.82 ? 5  HOH A O     1 
HETATM 45 O O     . HOH B 2 . ? -1.297 6.299  -5.037 1.00 45.77 ? 6  HOH A O     1 
HETATM 46 O O     . HOH B 2 . ? -6.042 7.098  -2.371 1.00 46.59 ? 7  HOH A O     1 
HETATM 47 O O     . HOH B 2 . ? 1.185  6.888  -3.904 1.00 55.05 ? 8  HOH A O     1 
HETATM 48 O O     . HOH B 2 . ? -1.766 5.009  -7.194 1.00 83.31 ? 9  HOH A O     1 
HETATM 49 O O     . HOH B 2 . ? 4.483  1.017  -3.152 0.50 64.86 ? 10 HOH A O     1 
HETATM 50 O O     . HOH B 2 . ? -2.579 7.305  -2.145 1.00 86.28 ? 11 HOH A O     1 
HETATM 51 O O     . HOH B 2 . ? 5.742  -1.770 -1.165 0.50 75.46 ? 12 HOH A O     1 
HETATM 52 O O     . HOH B 2 . ? -5.085 -7.051 -3.652 1.00 81.43 ? 13 HOH A O     1 
HETATM 53 O O     . HOH B 2 . ? 1.548  3.869  2.733  1.00 99.14 ? 14 HOH A O     1 
HETATM 54 O O     . HOH B 2 . ? -4.061 6.075  -4.463 1.00 96.55 ? 15 HOH A O     1 
HETATM 55 O O     . HOH B 2 . ? -3.129 -6.422 -5.739 1.00 94.66 ? 16 HOH A O     1 
# 
